data_7S80
#
_entry.id   7S80
#
_cell.length_a   41.536
_cell.length_b   60.816
_cell.length_c   58.657
_cell.angle_alpha   90.000
_cell.angle_beta   100.519
_cell.angle_gamma   90.000
#
_symmetry.space_group_name_H-M   'P 1 21 1'
#
loop_
_entity.id
_entity.type
_entity.pdbx_description
1 polymer 'iAchSnFR Fluorescent Acetylcholine Sensor precursor binding protein'
2 non-polymer 'MALONATE ION'
3 non-polymer 1,2-ETHANEDIOL
4 water water
#
_entity_poly.entity_id   1
_entity_poly.type   'polypeptide(L)'
_entity_poly.pdbx_seq_one_letter_code
;MHHHHHHGAQPARSANDTVVVGSIIFTEGIIVANMVAEMIEAHTDLKVVRKLNLGGVNVNFEAIKRGGANNGIDIYVEYT
GHGLVDILGFPATTDPEGAYETVKKEYKRKWNIVWLKPLGFNNTYTLTVKDELAKQYNLKTFSDLAKISDKLILGATMFF
LEGPDGYPGLQKLYNFKFKHTKSMDMGIRYTAIDNNEVQVIDAWATDGLLVSHKLKILEDDKAFFPPYYAAPIIRQDVLD
KHPELKDVLNKLANQISLEEMQKLNYKVDGEGQDPAKVAKEFLKEKGLILQVD
;
_entity_poly.pdbx_strand_id   A
#
loop_
_chem_comp.id
_chem_comp.type
_chem_comp.name
_chem_comp.formula
EDO non-polymer 1,2-ETHANEDIOL 'C2 H6 O2'
MLI non-polymer 'MALONATE ION' 'C3 H2 O4 -2'
#
# COMPACT_ATOMS: atom_id res chain seq x y z
N ALA A 15 31.25 10.96 -8.88
CA ALA A 15 30.02 10.55 -8.21
C ALA A 15 29.03 9.93 -9.20
N ASN A 16 27.76 10.30 -9.07
CA ASN A 16 26.67 9.88 -9.93
C ASN A 16 26.37 8.38 -9.84
N ASP A 17 26.96 7.67 -8.88
CA ASP A 17 26.75 6.23 -8.74
C ASP A 17 25.85 5.88 -7.56
N THR A 18 25.14 6.86 -7.00
CA THR A 18 24.26 6.64 -5.86
C THR A 18 22.81 6.85 -6.27
N VAL A 19 21.93 5.98 -5.79
CA VAL A 19 20.50 6.15 -5.95
CA VAL A 19 20.48 6.12 -5.95
C VAL A 19 19.86 6.14 -4.57
N VAL A 20 18.87 7.01 -4.37
CA VAL A 20 18.22 7.18 -3.08
C VAL A 20 16.81 6.61 -3.17
N VAL A 21 16.51 5.66 -2.29
CA VAL A 21 15.20 5.04 -2.21
C VAL A 21 14.52 5.59 -0.96
N GLY A 22 13.27 6.01 -1.10
CA GLY A 22 12.56 6.57 0.03
C GLY A 22 11.34 5.81 0.48
N SER A 23 10.94 6.03 1.72
CA SER A 23 9.66 5.55 2.21
CA SER A 23 9.68 5.52 2.24
C SER A 23 9.26 6.39 3.40
N ILE A 24 7.96 6.40 3.68
CA ILE A 24 7.47 6.98 4.92
C ILE A 24 7.52 5.89 5.99
N ILE A 25 7.18 6.24 7.23
CA ILE A 25 7.22 5.28 8.32
C ILE A 25 5.91 4.50 8.34
N PHE A 26 5.92 3.37 7.65
CA PHE A 26 4.73 2.54 7.42
C PHE A 26 5.25 1.18 7.03
N THR A 27 4.86 0.13 7.76
CA THR A 27 5.50 -1.18 7.66
C THR A 27 5.64 -1.64 6.22
N GLU A 28 4.52 -1.67 5.47
CA GLU A 28 4.59 -2.13 4.10
C GLU A 28 5.54 -1.27 3.27
N GLY A 29 5.48 0.04 3.47
CA GLY A 29 6.36 0.93 2.73
C GLY A 29 7.83 0.64 3.01
N ILE A 30 8.16 0.40 4.28
CA ILE A 30 9.55 0.11 4.62
C ILE A 30 9.98 -1.22 4.03
N ILE A 31 9.13 -2.24 4.11
CA ILE A 31 9.47 -3.54 3.52
C ILE A 31 9.75 -3.39 2.03
N VAL A 32 8.84 -2.76 1.29
CA VAL A 32 9.01 -2.73 -0.16
C VAL A 32 10.16 -1.81 -0.57
N ALA A 33 10.38 -0.72 0.17
CA ALA A 33 11.53 0.14 -0.12
C ALA A 33 12.83 -0.62 0.10
N ASN A 34 12.89 -1.44 1.16
CA ASN A 34 14.05 -2.29 1.38
C ASN A 34 14.20 -3.30 0.26
N MET A 35 13.09 -3.85 -0.26
CA MET A 35 13.20 -4.76 -1.41
C MET A 35 13.81 -4.06 -2.61
N VAL A 36 13.35 -2.85 -2.90
CA VAL A 36 13.91 -2.09 -4.02
C VAL A 36 15.41 -1.90 -3.84
N ALA A 37 15.80 -1.49 -2.61
CA ALA A 37 17.21 -1.28 -2.33
C ALA A 37 18.02 -2.56 -2.51
N GLU A 38 17.48 -3.69 -2.03
CA GLU A 38 18.22 -4.95 -2.14
C GLU A 38 18.35 -5.38 -3.60
N MET A 39 17.33 -5.17 -4.41
CA MET A 39 17.44 -5.51 -5.82
C MET A 39 18.53 -4.69 -6.49
N ILE A 40 18.58 -3.38 -6.20
CA ILE A 40 19.63 -2.56 -6.78
C ILE A 40 21.01 -3.03 -6.32
N GLU A 41 21.15 -3.34 -5.03
CA GLU A 41 22.46 -3.71 -4.49
C GLU A 41 22.90 -5.08 -4.98
N ALA A 42 21.96 -5.96 -5.32
CA ALA A 42 22.31 -7.30 -5.76
C ALA A 42 22.58 -7.38 -7.25
N HIS A 43 22.06 -6.46 -8.03
CA HIS A 43 22.13 -6.58 -9.49
C HIS A 43 22.87 -5.45 -10.17
N THR A 44 23.41 -4.48 -9.43
CA THR A 44 24.15 -3.37 -10.00
C THR A 44 25.29 -3.02 -9.07
N ASP A 45 26.16 -2.11 -9.50
CA ASP A 45 27.21 -1.59 -8.64
C ASP A 45 26.86 -0.24 -8.04
N LEU A 46 25.60 0.16 -8.10
CA LEU A 46 25.18 1.44 -7.58
C LEU A 46 25.14 1.40 -6.06
N LYS A 47 25.55 2.50 -5.44
CA LYS A 47 25.35 2.68 -4.01
C LYS A 47 23.89 3.10 -3.77
N VAL A 48 23.28 2.53 -2.75
CA VAL A 48 21.90 2.84 -2.41
C VAL A 48 21.86 3.52 -1.05
N VAL A 49 21.27 4.69 -1.00
CA VAL A 49 20.92 5.35 0.26
C VAL A 49 19.45 5.08 0.52
N ARG A 50 19.15 4.54 1.71
CA ARG A 50 17.78 4.23 2.12
C ARG A 50 17.31 5.33 3.06
N LYS A 51 16.37 6.14 2.59
CA LYS A 51 15.77 7.22 3.36
C LYS A 51 14.36 6.76 3.74
N LEU A 52 14.25 6.00 4.83
CA LEU A 52 13.02 5.31 5.19
C LEU A 52 12.30 5.98 6.35
N ASN A 53 12.60 7.26 6.61
CA ASN A 53 11.99 7.98 7.72
C ASN A 53 11.28 9.25 7.26
N LEU A 54 10.90 9.31 5.99
CA LEU A 54 10.22 10.50 5.49
C LEU A 54 8.86 10.65 6.17
N GLY A 55 8.47 11.90 6.42
CA GLY A 55 7.20 12.14 7.06
C GLY A 55 6.60 13.44 6.58
N GLY A 56 5.28 13.47 6.38
CA GLY A 56 4.56 14.66 6.01
C GLY A 56 3.68 14.43 4.80
N VAL A 57 2.97 15.50 4.42
CA VAL A 57 1.96 15.44 3.37
C VAL A 57 2.65 15.20 2.03
N ASN A 58 2.47 14.00 1.47
CA ASN A 58 3.03 13.64 0.16
C ASN A 58 4.54 13.92 0.10
N VAL A 59 5.23 13.71 1.23
CA VAL A 59 6.66 14.03 1.25
C VAL A 59 7.42 13.20 0.23
N ASN A 60 7.10 11.90 0.12
CA ASN A 60 7.74 11.08 -0.90
C ASN A 60 7.65 11.78 -2.25
N PHE A 61 6.46 12.24 -2.60
CA PHE A 61 6.27 12.87 -3.90
C PHE A 61 7.12 14.13 -4.00
N GLU A 62 7.08 14.97 -2.97
CA GLU A 62 7.90 16.17 -3.00
C GLU A 62 9.37 15.79 -3.13
N ALA A 63 9.77 14.74 -2.42
CA ALA A 63 11.17 14.34 -2.44
C ALA A 63 11.57 13.82 -3.80
N ILE A 64 10.67 13.08 -4.47
CA ILE A 64 11.08 12.54 -5.77
C ILE A 64 11.15 13.65 -6.79
N LYS A 65 10.45 14.76 -6.55
CA LYS A 65 10.57 15.88 -7.49
C LYS A 65 11.91 16.58 -7.31
N ARG A 66 12.49 16.53 -6.10
CA ARG A 66 13.82 17.09 -5.92
C ARG A 66 14.90 16.16 -6.46
N GLY A 67 14.76 14.86 -6.21
CA GLY A 67 15.76 13.90 -6.60
C GLY A 67 16.84 13.73 -5.55
N GLY A 68 17.57 12.62 -5.67
CA GLY A 68 18.56 12.28 -4.66
C GLY A 68 19.70 13.27 -4.58
N ALA A 69 20.01 13.95 -5.70
CA ALA A 69 21.07 14.95 -5.71
C ALA A 69 20.65 16.28 -5.11
N ASN A 70 19.37 16.46 -4.80
CA ASN A 70 18.88 17.72 -4.24
C ASN A 70 18.14 17.44 -2.94
N ASN A 71 18.74 16.64 -2.06
CA ASN A 71 18.18 16.39 -0.73
C ASN A 71 16.80 15.75 -0.82
N GLY A 72 16.59 14.93 -1.82
CA GLY A 72 15.36 14.22 -2.05
C GLY A 72 15.61 12.73 -2.25
N ILE A 73 14.76 12.11 -3.07
CA ILE A 73 14.84 10.69 -3.36
C ILE A 73 14.68 10.49 -4.86
N ASP A 74 15.10 9.32 -5.32
CA ASP A 74 15.04 8.97 -6.73
C ASP A 74 13.96 7.94 -7.04
N ILE A 75 13.55 7.13 -6.08
CA ILE A 75 12.63 6.02 -6.28
CA ILE A 75 12.56 6.10 -6.31
C ILE A 75 11.80 5.86 -5.02
N TYR A 76 10.51 5.55 -5.19
CA TYR A 76 9.74 5.01 -4.08
C TYR A 76 8.59 4.20 -4.65
N VAL A 77 7.91 3.45 -3.79
CA VAL A 77 6.77 2.64 -4.22
C VAL A 77 5.49 3.43 -3.95
N GLU A 78 4.74 3.70 -5.01
CA GLU A 78 3.53 4.49 -4.97
C GLU A 78 2.34 3.59 -5.30
N TYR A 79 1.14 4.04 -4.97
CA TYR A 79 -0.08 3.29 -5.23
C TYR A 79 -0.87 4.00 -6.31
N THR A 80 -1.32 3.25 -7.32
CA THR A 80 -1.94 3.87 -8.49
C THR A 80 -3.05 4.85 -8.10
N GLY A 81 -3.96 4.43 -7.22
CA GLY A 81 -5.09 5.27 -6.86
C GLY A 81 -4.71 6.54 -6.12
N HIS A 82 -3.63 6.50 -5.35
CA HIS A 82 -3.15 7.71 -4.69
C HIS A 82 -2.64 8.71 -5.72
N GLY A 83 -1.86 8.25 -6.69
CA GLY A 83 -1.47 9.13 -7.77
C GLY A 83 -2.66 9.64 -8.58
N LEU A 84 -3.62 8.76 -8.86
CA LEU A 84 -4.76 9.12 -9.70
C LEU A 84 -5.62 10.18 -9.04
N VAL A 85 -6.00 9.96 -7.78
CA VAL A 85 -7.00 10.80 -7.11
C VAL A 85 -6.31 11.95 -6.39
N ASP A 86 -5.40 11.63 -5.48
CA ASP A 86 -4.86 12.65 -4.59
C ASP A 86 -3.87 13.56 -5.31
N ILE A 87 -3.00 12.99 -6.12
CA ILE A 87 -2.00 13.81 -6.82
C ILE A 87 -2.61 14.46 -8.06
N LEU A 88 -3.21 13.66 -8.94
CA LEU A 88 -3.68 14.18 -10.22
C LEU A 88 -5.10 14.73 -10.19
N GLY A 89 -5.91 14.35 -9.21
CA GLY A 89 -7.24 14.93 -9.09
C GLY A 89 -8.29 14.32 -9.99
N PHE A 90 -8.09 13.08 -10.46
CA PHE A 90 -8.99 12.38 -11.36
C PHE A 90 -10.00 11.55 -10.55
N PRO A 91 -11.13 11.18 -11.15
CA PRO A 91 -12.14 10.41 -10.40
C PRO A 91 -11.65 9.03 -9.98
N ALA A 92 -12.16 8.56 -8.84
CA ALA A 92 -11.67 7.31 -8.26
C ALA A 92 -12.15 6.08 -9.00
N THR A 93 -13.34 6.13 -9.60
CA THR A 93 -14.02 4.93 -10.09
C THR A 93 -13.48 4.56 -11.46
N THR A 94 -12.43 3.74 -11.49
CA THR A 94 -11.80 3.28 -12.71
CA THR A 94 -11.89 3.24 -12.74
C THR A 94 -11.31 1.85 -12.51
N ASP A 95 -10.94 1.20 -13.59
CA ASP A 95 -10.37 -0.13 -13.51
C ASP A 95 -8.88 -0.03 -13.22
N PRO A 96 -8.26 -1.12 -12.73
CA PRO A 96 -6.82 -1.05 -12.41
C PRO A 96 -5.93 -0.66 -13.58
N GLU A 97 -6.14 -1.25 -14.76
CA GLU A 97 -5.29 -0.93 -15.90
C GLU A 97 -5.44 0.53 -16.32
N GLY A 98 -6.67 1.05 -16.30
CA GLY A 98 -6.88 2.44 -16.65
C GLY A 98 -6.21 3.39 -15.67
N ALA A 99 -6.36 3.13 -14.38
CA ALA A 99 -5.69 3.96 -13.37
C ALA A 99 -4.19 3.94 -13.57
N TYR A 100 -3.62 2.74 -13.81
CA TYR A 100 -2.18 2.62 -14.02
C TYR A 100 -1.74 3.39 -15.25
N GLU A 101 -2.43 3.19 -16.37
CA GLU A 101 -1.99 3.87 -17.59
C GLU A 101 -2.13 5.38 -17.46
N THR A 102 -3.15 5.85 -16.74
CA THR A 102 -3.30 7.28 -16.53
C THR A 102 -2.14 7.84 -15.72
N VAL A 103 -1.84 7.22 -14.57
CA VAL A 103 -0.74 7.76 -13.76
C VAL A 103 0.58 7.66 -14.51
N LYS A 104 0.80 6.58 -15.25
CA LYS A 104 2.06 6.46 -15.97
C LYS A 104 2.21 7.60 -16.98
N LYS A 105 1.19 7.80 -17.81
CA LYS A 105 1.24 8.85 -18.82
C LYS A 105 1.41 10.24 -18.18
N GLU A 106 0.60 10.52 -17.15
CA GLU A 106 0.57 11.86 -16.59
C GLU A 106 1.83 12.18 -15.80
N TYR A 107 2.36 11.20 -15.05
CA TYR A 107 3.57 11.48 -14.28
C TYR A 107 4.75 11.66 -15.20
N LYS A 108 4.76 10.91 -16.32
CA LYS A 108 5.83 11.10 -17.29
C LYS A 108 5.75 12.49 -17.88
N ARG A 109 4.55 12.91 -18.30
CA ARG A 109 4.41 14.19 -18.99
C ARG A 109 4.68 15.37 -18.05
N LYS A 110 4.18 15.30 -16.81
CA LYS A 110 4.20 16.47 -15.94
C LYS A 110 5.51 16.60 -15.18
N TRP A 111 6.10 15.47 -14.74
CA TRP A 111 7.24 15.53 -13.86
C TRP A 111 8.41 14.68 -14.32
N ASN A 112 8.31 14.02 -15.48
CA ASN A 112 9.36 13.13 -15.95
C ASN A 112 9.65 12.02 -14.93
N ILE A 113 8.59 11.50 -14.32
CA ILE A 113 8.67 10.35 -13.41
C ILE A 113 8.08 9.15 -14.12
N VAL A 114 8.74 8.01 -13.99
CA VAL A 114 8.40 6.78 -14.70
C VAL A 114 7.80 5.79 -13.73
N TRP A 115 6.58 5.37 -14.00
CA TRP A 115 5.98 4.25 -13.29
C TRP A 115 6.53 2.95 -13.85
N LEU A 116 7.10 2.12 -12.99
CA LEU A 116 7.53 0.79 -13.38
C LEU A 116 6.36 -0.17 -13.20
N LYS A 117 6.61 -1.47 -13.38
CA LYS A 117 5.50 -2.41 -13.39
C LYS A 117 4.96 -2.67 -11.99
N PRO A 118 3.64 -2.89 -11.87
CA PRO A 118 3.06 -3.17 -10.56
C PRO A 118 3.69 -4.39 -9.89
N LEU A 119 3.81 -4.31 -8.57
CA LEU A 119 4.36 -5.40 -7.78
C LEU A 119 3.45 -6.62 -7.76
N GLY A 120 2.14 -6.42 -7.93
CA GLY A 120 1.21 -7.52 -7.98
C GLY A 120 0.09 -7.51 -6.95
N PHE A 121 0.05 -6.57 -6.01
CA PHE A 121 -1.01 -6.51 -5.02
C PHE A 121 -1.71 -5.15 -5.02
N ASN A 122 -2.97 -5.17 -4.60
CA ASN A 122 -3.83 -3.99 -4.51
C ASN A 122 -4.07 -3.73 -3.03
N ASN A 123 -3.33 -2.78 -2.46
CA ASN A 123 -3.49 -2.46 -1.04
C ASN A 123 -4.55 -1.38 -0.86
N THR A 124 -5.78 -1.77 -1.13
CA THR A 124 -6.91 -0.87 -0.98
C THR A 124 -7.36 -0.82 0.47
N TYR A 125 -7.91 0.31 0.85
CA TYR A 125 -8.60 0.37 2.13
C TYR A 125 -9.86 -0.48 2.05
N THR A 126 -10.31 -0.99 3.18
CA THR A 126 -11.43 -1.91 3.16
C THR A 126 -12.08 -1.95 4.54
N LEU A 127 -13.18 -2.68 4.60
CA LEU A 127 -13.88 -3.00 5.85
C LEU A 127 -13.73 -4.50 6.10
N THR A 128 -13.53 -4.86 7.36
CA THR A 128 -13.29 -6.25 7.72
C THR A 128 -14.15 -6.62 8.91
N VAL A 129 -14.52 -7.89 8.96
CA VAL A 129 -15.33 -8.45 10.04
C VAL A 129 -14.67 -9.74 10.48
N LYS A 130 -15.06 -10.24 11.65
CA LYS A 130 -14.56 -11.54 12.05
C LYS A 130 -15.05 -12.60 11.07
N ASP A 131 -14.18 -13.56 10.78
CA ASP A 131 -14.54 -14.70 9.94
C ASP A 131 -15.83 -15.35 10.42
N GLU A 132 -15.97 -15.50 11.75
CA GLU A 132 -17.16 -16.15 12.30
C GLU A 132 -18.42 -15.34 12.01
N LEU A 133 -18.34 -14.00 12.10
CA LEU A 133 -19.51 -13.19 11.79
C LEU A 133 -19.87 -13.27 10.32
N ALA A 134 -18.86 -13.24 9.44
CA ALA A 134 -19.11 -13.38 8.01
C ALA A 134 -19.73 -14.73 7.69
N LYS A 135 -19.34 -15.77 8.41
CA LYS A 135 -19.97 -17.08 8.22
C LYS A 135 -21.39 -17.08 8.74
N GLN A 136 -21.63 -16.45 9.88
CA GLN A 136 -22.96 -16.48 10.49
C GLN A 136 -23.98 -15.74 9.65
N TYR A 137 -23.58 -14.60 9.06
CA TYR A 137 -24.50 -13.79 8.26
C TYR A 137 -24.29 -13.93 6.76
N ASN A 138 -23.39 -14.82 6.33
CA ASN A 138 -23.06 -15.01 4.92
C ASN A 138 -22.70 -13.68 4.26
N LEU A 139 -21.69 -13.03 4.83
CA LEU A 139 -21.22 -11.73 4.38
C LEU A 139 -20.09 -11.91 3.37
N LYS A 140 -20.22 -11.26 2.22
CA LYS A 140 -19.14 -11.27 1.24
C LYS A 140 -18.82 -9.86 0.75
N THR A 141 -19.83 -9.00 0.66
CA THR A 141 -19.65 -7.67 0.08
C THR A 141 -20.04 -6.58 1.08
N PHE A 142 -19.62 -5.35 0.77
CA PHE A 142 -20.03 -4.20 1.57
C PHE A 142 -21.54 -4.06 1.59
N SER A 143 -22.21 -4.39 0.48
CA SER A 143 -23.67 -4.28 0.43
C SER A 143 -24.32 -5.28 1.39
N ASP A 144 -23.80 -6.51 1.41
CA ASP A 144 -24.26 -7.50 2.39
C ASP A 144 -24.12 -6.95 3.81
N LEU A 145 -22.98 -6.32 4.10
CA LEU A 145 -22.75 -5.76 5.42
C LEU A 145 -23.72 -4.63 5.72
N ALA A 146 -23.98 -3.78 4.72
CA ALA A 146 -24.90 -2.66 4.90
C ALA A 146 -26.28 -3.16 5.28
N LYS A 147 -26.72 -4.29 4.71
CA LYS A 147 -28.06 -4.81 5.01
C LYS A 147 -28.25 -5.06 6.51
N ILE A 148 -27.21 -5.49 7.22
CA ILE A 148 -27.31 -5.84 8.63
C ILE A 148 -26.60 -4.81 9.52
N SER A 149 -26.10 -3.72 8.93
CA SER A 149 -25.28 -2.78 9.69
C SER A 149 -26.00 -2.17 10.88
N ASP A 150 -27.34 -2.13 10.86
CA ASP A 150 -28.10 -1.56 11.97
C ASP A 150 -27.95 -2.36 13.26
N LYS A 151 -27.36 -3.55 13.20
CA LYS A 151 -27.12 -4.36 14.39
C LYS A 151 -25.67 -4.33 14.84
N LEU A 152 -24.82 -3.60 14.12
CA LEU A 152 -23.38 -3.68 14.29
C LEU A 152 -22.78 -2.33 14.67
N ILE A 153 -21.58 -2.39 15.24
CA ILE A 153 -20.81 -1.20 15.60
C ILE A 153 -19.53 -1.21 14.77
N LEU A 154 -19.17 -0.04 14.26
CA LEU A 154 -17.94 0.13 13.49
C LEU A 154 -16.90 0.80 14.39
N GLY A 155 -15.71 0.19 14.45
CA GLY A 155 -14.60 0.84 15.14
C GLY A 155 -13.55 1.17 14.10
N ALA A 156 -13.19 2.44 13.99
CA ALA A 156 -12.39 2.88 12.85
C ALA A 156 -11.40 3.95 13.26
N THR A 157 -10.29 4.00 12.52
CA THR A 157 -9.29 5.04 12.75
C THR A 157 -9.91 6.42 12.48
N MET A 158 -9.39 7.43 13.18
CA MET A 158 -9.94 8.77 13.08
C MET A 158 -9.84 9.31 11.65
N PHE A 159 -8.74 9.02 10.96
CA PHE A 159 -8.55 9.52 9.60
C PHE A 159 -9.58 8.95 8.64
N PHE A 160 -10.01 7.70 8.84
CA PHE A 160 -11.02 7.10 7.97
C PHE A 160 -12.39 7.70 8.24
N LEU A 161 -12.68 8.09 9.48
CA LEU A 161 -13.99 8.64 9.80
C LEU A 161 -14.16 10.07 9.33
N GLU A 162 -13.07 10.79 9.06
CA GLU A 162 -13.13 12.17 8.60
C GLU A 162 -12.74 12.25 7.13
N GLY A 163 -13.48 13.05 6.37
CA GLY A 163 -13.17 13.26 4.97
C GLY A 163 -14.02 12.41 4.04
N PRO A 164 -14.49 13.01 2.95
CA PRO A 164 -15.34 12.27 2.01
C PRO A 164 -14.64 11.08 1.34
N ASP A 165 -13.31 11.01 1.40
CA ASP A 165 -12.60 9.84 0.89
C ASP A 165 -12.80 8.61 1.79
N GLY A 166 -13.26 8.81 3.02
CA GLY A 166 -13.42 7.72 3.96
C GLY A 166 -14.87 7.40 4.26
N TYR A 167 -15.17 7.14 5.53
CA TYR A 167 -16.50 6.68 5.90
C TYR A 167 -17.65 7.61 5.50
N PRO A 168 -17.52 8.94 5.49
CA PRO A 168 -18.65 9.75 5.00
C PRO A 168 -19.15 9.36 3.62
N GLY A 169 -18.26 9.31 2.62
CA GLY A 169 -18.67 8.97 1.28
C GLY A 169 -19.10 7.52 1.16
N LEU A 170 -18.39 6.62 1.83
CA LEU A 170 -18.75 5.21 1.81
C LEU A 170 -20.14 4.98 2.40
N GLN A 171 -20.44 5.63 3.53
CA GLN A 171 -21.75 5.49 4.14
C GLN A 171 -22.83 6.08 3.25
N LYS A 172 -22.58 7.25 2.67
CA LYS A 172 -23.51 7.82 1.71
C LYS A 172 -23.81 6.84 0.58
N LEU A 173 -22.76 6.24 0.01
CA LEU A 173 -22.97 5.37 -1.14
C LEU A 173 -23.70 4.08 -0.76
N TYR A 174 -23.33 3.47 0.37
CA TYR A 174 -23.85 2.16 0.73
C TYR A 174 -25.02 2.25 1.71
N ASN A 175 -25.27 3.42 2.27
CA ASN A 175 -26.33 3.61 3.26
C ASN A 175 -26.09 2.74 4.50
N PHE A 176 -24.84 2.73 4.96
CA PHE A 176 -24.54 2.04 6.22
C PHE A 176 -25.31 2.70 7.35
N LYS A 177 -25.79 1.88 8.28
CA LYS A 177 -26.61 2.34 9.40
C LYS A 177 -26.07 1.80 10.71
N PHE A 178 -24.75 1.79 10.86
CA PHE A 178 -24.13 1.28 12.08
C PHE A 178 -24.73 1.95 13.31
N LYS A 179 -24.95 1.16 14.37
CA LYS A 179 -25.51 1.71 15.60
C LYS A 179 -24.59 2.78 16.17
N HIS A 180 -23.29 2.52 16.15
CA HIS A 180 -22.28 3.44 16.64
C HIS A 180 -21.08 3.34 15.73
N THR A 181 -20.37 4.45 15.60
CA THR A 181 -19.10 4.48 14.89
C THR A 181 -18.08 5.10 15.82
N LYS A 182 -17.14 4.29 16.29
CA LYS A 182 -16.20 4.68 17.33
C LYS A 182 -14.86 5.01 16.70
N SER A 183 -14.29 6.17 17.06
CA SER A 183 -12.94 6.51 16.65
C SER A 183 -11.95 5.76 17.53
N MET A 184 -11.12 4.92 16.90
CA MET A 184 -10.20 4.05 17.63
C MET A 184 -8.89 4.03 16.85
N ASP A 185 -7.86 4.65 17.40
CA ASP A 185 -6.54 4.65 16.80
C ASP A 185 -5.62 3.72 17.59
N MET A 186 -4.32 3.79 17.29
CA MET A 186 -3.36 2.81 17.83
C MET A 186 -3.84 1.43 17.39
N GLY A 187 -3.80 0.43 18.27
CA GLY A 187 -4.35 -0.87 17.95
C GLY A 187 -5.64 -1.13 18.69
N ILE A 188 -6.33 -0.06 19.08
CA ILE A 188 -7.51 -0.17 19.93
C ILE A 188 -8.62 -0.96 19.23
N ARG A 189 -8.78 -0.77 17.92
CA ARG A 189 -9.89 -1.40 17.23
C ARG A 189 -9.68 -2.91 17.05
N TYR A 190 -8.43 -3.36 16.98
CA TYR A 190 -8.19 -4.81 16.93
C TYR A 190 -8.62 -5.47 18.23
N THR A 191 -8.20 -4.90 19.36
CA THR A 191 -8.66 -5.38 20.66
C THR A 191 -10.16 -5.30 20.76
N ALA A 192 -10.76 -4.21 20.28
CA ALA A 192 -12.20 -4.04 20.38
C ALA A 192 -12.94 -5.11 19.59
N ILE A 193 -12.48 -5.41 18.37
CA ILE A 193 -13.18 -6.43 17.61
C ILE A 193 -12.92 -7.82 18.18
N ASP A 194 -11.74 -8.05 18.75
CA ASP A 194 -11.47 -9.29 19.46
C ASP A 194 -12.43 -9.48 20.62
N ASN A 195 -12.78 -8.40 21.31
CA ASN A 195 -13.65 -8.44 22.47
C ASN A 195 -15.13 -8.34 22.10
N ASN A 196 -15.46 -8.26 20.81
CA ASN A 196 -16.83 -8.04 20.36
C ASN A 196 -17.42 -6.73 20.87
N GLU A 197 -16.57 -5.75 21.19
CA GLU A 197 -17.04 -4.40 21.47
C GLU A 197 -17.41 -3.66 20.21
N VAL A 198 -16.71 -3.95 19.10
CA VAL A 198 -17.12 -3.55 17.76
C VAL A 198 -17.20 -4.80 16.91
N GLN A 199 -17.92 -4.70 15.80
CA GLN A 199 -18.10 -5.83 14.89
C GLN A 199 -17.49 -5.62 13.51
N VAL A 200 -17.09 -4.40 13.19
CA VAL A 200 -16.46 -4.06 11.90
C VAL A 200 -15.31 -3.12 12.19
N ILE A 201 -14.19 -3.32 11.48
CA ILE A 201 -13.12 -2.34 11.54
C ILE A 201 -12.66 -2.00 10.14
N ASP A 202 -12.04 -0.83 10.00
CA ASP A 202 -11.37 -0.44 8.77
C ASP A 202 -9.95 -0.99 8.76
N ALA A 203 -9.43 -1.27 7.57
CA ALA A 203 -8.07 -1.78 7.48
C ALA A 203 -7.57 -1.59 6.06
N TRP A 204 -6.24 -1.54 5.92
CA TRP A 204 -5.60 -1.77 4.64
C TRP A 204 -5.70 -3.26 4.31
N ALA A 205 -5.93 -3.56 3.02
CA ALA A 205 -6.09 -4.95 2.61
C ALA A 205 -4.88 -5.82 2.93
N THR A 206 -3.69 -5.25 3.00
CA THR A 206 -2.50 -6.04 3.34
C THR A 206 -2.14 -6.02 4.81
N ASP A 207 -3.03 -5.52 5.68
CA ASP A 207 -2.72 -5.37 7.09
C ASP A 207 -2.18 -6.69 7.66
N GLY A 208 -1.04 -6.59 8.34
CA GLY A 208 -0.37 -7.78 8.84
C GLY A 208 -1.14 -8.55 9.90
N LEU A 209 -2.20 -7.97 10.47
CA LEU A 209 -2.91 -8.58 11.60
C LEU A 209 -4.21 -9.26 11.19
N LEU A 210 -4.58 -9.23 9.91
CA LEU A 210 -5.89 -9.72 9.49
C LEU A 210 -6.02 -11.22 9.71
N VAL A 211 -5.02 -11.99 9.30
CA VAL A 211 -5.10 -13.44 9.48
C VAL A 211 -5.00 -13.82 10.95
N SER A 212 -4.11 -13.15 11.68
CA SER A 212 -3.90 -13.48 13.09
C SER A 212 -5.17 -13.24 13.90
N HIS A 213 -5.94 -12.23 13.53
CA HIS A 213 -7.17 -11.89 14.22
C HIS A 213 -8.40 -12.52 13.58
N LYS A 214 -8.21 -13.44 12.63
CA LYS A 214 -9.31 -14.19 12.03
C LYS A 214 -10.36 -13.27 11.39
N LEU A 215 -9.87 -12.26 10.68
CA LEU A 215 -10.72 -11.27 10.03
C LEU A 215 -10.81 -11.56 8.53
N LYS A 216 -11.94 -11.16 7.95
CA LYS A 216 -12.23 -11.33 6.54
C LYS A 216 -12.44 -9.94 5.93
N ILE A 217 -11.78 -9.72 4.78
CA ILE A 217 -11.98 -8.53 3.98
C ILE A 217 -13.23 -8.73 3.14
N LEU A 218 -14.11 -7.73 3.14
CA LEU A 218 -15.30 -7.75 2.31
C LEU A 218 -15.07 -6.98 1.01
N GLU A 219 -15.83 -7.35 -0.02
CA GLU A 219 -15.67 -6.78 -1.34
C GLU A 219 -16.43 -5.46 -1.48
N ASP A 220 -15.76 -4.46 -2.07
CA ASP A 220 -16.32 -3.14 -2.34
C ASP A 220 -17.09 -3.23 -3.66
N ASP A 221 -18.32 -3.77 -3.58
CA ASP A 221 -19.06 -4.14 -4.78
C ASP A 221 -19.50 -2.92 -5.60
N LYS A 222 -19.66 -1.76 -4.97
CA LYS A 222 -19.99 -0.55 -5.69
C LYS A 222 -18.75 0.21 -6.17
N ALA A 223 -17.56 -0.34 -5.94
CA ALA A 223 -16.32 0.25 -6.46
C ALA A 223 -16.12 1.68 -5.96
N PHE A 224 -16.34 1.87 -4.66
CA PHE A 224 -16.11 3.18 -4.06
C PHE A 224 -14.62 3.53 -4.06
N PHE A 225 -13.78 2.60 -3.63
CA PHE A 225 -12.36 2.88 -3.48
C PHE A 225 -11.64 2.73 -4.82
N PRO A 226 -10.66 3.57 -5.12
CA PRO A 226 -9.93 3.42 -6.38
C PRO A 226 -8.98 2.24 -6.32
N PRO A 227 -8.50 1.76 -7.47
CA PRO A 227 -7.40 0.78 -7.45
C PRO A 227 -6.23 1.35 -6.67
N TYR A 228 -5.58 0.50 -5.88
CA TYR A 228 -4.43 0.91 -5.07
CA TYR A 228 -4.42 0.92 -5.07
C TYR A 228 -3.26 -0.04 -5.29
N TYR A 229 -2.88 -0.20 -6.57
CA TYR A 229 -1.81 -1.14 -6.91
C TYR A 229 -0.46 -0.49 -6.68
N ALA A 230 0.40 -1.20 -5.94
CA ALA A 230 1.74 -0.71 -5.65
C ALA A 230 2.66 -0.89 -6.85
N ALA A 231 3.47 0.13 -7.12
CA ALA A 231 4.45 0.05 -8.19
C ALA A 231 5.63 0.95 -7.86
N PRO A 232 6.86 0.54 -8.16
CA PRO A 232 7.98 1.47 -8.02
C PRO A 232 7.86 2.57 -9.05
N ILE A 233 8.19 3.79 -8.66
CA ILE A 233 8.29 4.92 -9.57
C ILE A 233 9.66 5.55 -9.39
N ILE A 234 10.21 6.08 -10.50
CA ILE A 234 11.61 6.47 -10.55
C ILE A 234 11.76 7.69 -11.44
N ARG A 235 12.68 8.57 -11.08
CA ARG A 235 12.99 9.71 -11.93
C ARG A 235 13.56 9.26 -13.27
N GLN A 236 13.07 9.86 -14.36
CA GLN A 236 13.62 9.58 -15.68
C GLN A 236 15.12 9.88 -15.74
N ASP A 237 15.56 10.97 -15.10
CA ASP A 237 16.99 11.30 -15.24
C ASP A 237 17.89 10.24 -14.60
N VAL A 238 17.39 9.56 -13.57
CA VAL A 238 18.15 8.46 -12.98
C VAL A 238 18.20 7.27 -13.94
N LEU A 239 17.08 6.95 -14.59
CA LEU A 239 17.10 5.95 -15.65
C LEU A 239 18.04 6.35 -16.80
N ASP A 240 18.12 7.64 -17.12
CA ASP A 240 19.03 8.08 -18.17
C ASP A 240 20.47 7.76 -17.78
N LYS A 241 20.83 8.02 -16.52
CA LYS A 241 22.19 7.72 -16.07
C LYS A 241 22.42 6.22 -15.91
N HIS A 242 21.39 5.46 -15.53
CA HIS A 242 21.53 4.04 -15.20
C HIS A 242 20.37 3.27 -15.80
N PRO A 243 20.38 3.08 -17.12
CA PRO A 243 19.21 2.44 -17.77
C PRO A 243 18.95 1.03 -17.27
N GLU A 244 19.98 0.32 -16.82
CA GLU A 244 19.81 -1.05 -16.33
C GLU A 244 18.77 -1.13 -15.22
N LEU A 245 18.60 -0.04 -14.44
CA LEU A 245 17.65 -0.06 -13.33
C LEU A 245 16.27 -0.45 -13.79
N LYS A 246 15.88 -0.03 -15.00
CA LYS A 246 14.54 -0.40 -15.44
C LYS A 246 14.36 -1.90 -15.33
N ASP A 247 15.21 -2.66 -16.03
CA ASP A 247 15.00 -4.10 -16.04
C ASP A 247 15.20 -4.69 -14.64
N VAL A 248 16.15 -4.15 -13.88
CA VAL A 248 16.40 -4.69 -12.56
C VAL A 248 15.14 -4.57 -11.71
N LEU A 249 14.53 -3.38 -11.71
CA LEU A 249 13.39 -3.20 -10.83
C LEU A 249 12.18 -3.91 -11.38
N ASN A 250 12.12 -4.08 -12.70
CA ASN A 250 10.97 -4.79 -13.23
C ASN A 250 11.05 -6.27 -12.98
N LYS A 251 12.17 -6.76 -12.43
CA LYS A 251 12.18 -8.14 -11.97
C LYS A 251 11.17 -8.37 -10.85
N LEU A 252 10.74 -7.31 -10.16
CA LEU A 252 9.72 -7.43 -9.12
C LEU A 252 8.30 -7.51 -9.68
N ALA A 253 8.13 -7.37 -11.00
CA ALA A 253 6.80 -7.26 -11.58
C ALA A 253 5.95 -8.49 -11.27
N ASN A 254 4.78 -8.26 -10.66
CA ASN A 254 3.83 -9.32 -10.37
C ASN A 254 4.42 -10.40 -9.46
N GLN A 255 5.40 -10.05 -8.64
CA GLN A 255 6.06 -11.02 -7.76
C GLN A 255 5.52 -11.04 -6.34
N ILE A 256 4.64 -10.11 -5.97
CA ILE A 256 4.10 -10.01 -4.61
C ILE A 256 2.59 -10.00 -4.67
N SER A 257 1.97 -11.12 -4.31
CA SER A 257 0.52 -11.15 -4.26
C SER A 257 0.04 -10.51 -2.96
N LEU A 258 -1.29 -10.30 -2.89
CA LEU A 258 -1.89 -9.78 -1.67
C LEU A 258 -1.52 -10.65 -0.46
N GLU A 259 -1.63 -11.97 -0.61
CA GLU A 259 -1.37 -12.86 0.52
C GLU A 259 0.10 -12.82 0.93
N GLU A 260 1.01 -12.75 -0.05
CA GLU A 260 2.42 -12.64 0.27
C GLU A 260 2.72 -11.34 1.01
N MET A 261 2.14 -10.23 0.55
CA MET A 261 2.39 -8.96 1.23
C MET A 261 1.84 -8.98 2.64
N GLN A 262 0.63 -9.52 2.81
CA GLN A 262 0.06 -9.67 4.14
CA GLN A 262 0.06 -9.64 4.15
C GLN A 262 0.99 -10.46 5.06
N LYS A 263 1.56 -11.55 4.54
CA LYS A 263 2.45 -12.38 5.36
C LYS A 263 3.72 -11.62 5.75
N LEU A 264 4.27 -10.82 4.83
CA LEU A 264 5.46 -10.06 5.20
C LEU A 264 5.15 -8.99 6.23
N ASN A 265 4.00 -8.31 6.05
CA ASN A 265 3.56 -7.35 7.05
C ASN A 265 3.34 -8.02 8.40
N TYR A 266 2.83 -9.26 8.41
CA TYR A 266 2.64 -9.97 9.67
C TYR A 266 3.99 -10.24 10.33
N LYS A 267 4.99 -10.62 9.53
CA LYS A 267 6.28 -10.90 10.13
C LYS A 267 6.80 -9.67 10.87
N VAL A 268 6.55 -8.48 10.34
CA VAL A 268 7.02 -7.27 11.02
C VAL A 268 6.07 -6.87 12.16
N ASP A 269 4.79 -6.63 11.83
CA ASP A 269 3.85 -6.07 12.80
C ASP A 269 3.42 -7.08 13.86
N GLY A 270 3.37 -8.36 13.50
CA GLY A 270 2.91 -9.36 14.45
C GLY A 270 4.04 -10.06 15.17
N GLU A 271 5.11 -10.37 14.45
CA GLU A 271 6.24 -11.10 15.01
C GLU A 271 7.42 -10.23 15.37
N GLY A 272 7.36 -8.93 15.07
CA GLY A 272 8.43 -8.03 15.47
C GLY A 272 9.74 -8.22 14.74
N GLN A 273 9.71 -8.74 13.52
CA GLN A 273 10.93 -8.97 12.77
C GLN A 273 11.41 -7.67 12.11
N ASP A 274 12.70 -7.65 11.81
CA ASP A 274 13.34 -6.51 11.16
C ASP A 274 12.85 -6.40 9.72
N PRO A 275 12.26 -5.28 9.29
CA PRO A 275 11.75 -5.18 7.92
C PRO A 275 12.81 -5.38 6.85
N ALA A 276 14.06 -4.96 7.10
CA ALA A 276 15.10 -5.18 6.10
C ALA A 276 15.41 -6.67 5.93
N LYS A 277 15.47 -7.41 7.04
CA LYS A 277 15.66 -8.85 6.95
C LYS A 277 14.46 -9.51 6.28
N VAL A 278 13.25 -9.10 6.63
CA VAL A 278 12.05 -9.66 6.00
C VAL A 278 12.10 -9.46 4.49
N ALA A 279 12.43 -8.24 4.05
CA ALA A 279 12.49 -7.95 2.61
C ALA A 279 13.53 -8.83 1.91
N LYS A 280 14.75 -8.89 2.47
CA LYS A 280 15.83 -9.61 1.81
C LYS A 280 15.55 -11.10 1.78
N GLU A 281 15.00 -11.65 2.87
CA GLU A 281 14.70 -13.08 2.90
C GLU A 281 13.62 -13.43 1.89
N PHE A 282 12.60 -12.56 1.76
CA PHE A 282 11.59 -12.81 0.75
C PHE A 282 12.21 -12.87 -0.64
N LEU A 283 13.08 -11.90 -0.96
CA LEU A 283 13.74 -11.89 -2.27
C LEU A 283 14.54 -13.16 -2.51
N LYS A 284 15.24 -13.63 -1.49
CA LYS A 284 16.04 -14.85 -1.64
C LYS A 284 15.14 -16.08 -1.87
N GLU A 285 14.02 -16.16 -1.15
CA GLU A 285 13.13 -17.30 -1.30
C GLU A 285 12.45 -17.32 -2.66
N LYS A 286 12.26 -16.16 -3.28
CA LYS A 286 11.65 -16.05 -4.59
C LYS A 286 12.68 -16.16 -5.73
N GLY A 287 13.96 -16.31 -5.39
CA GLY A 287 14.98 -16.37 -6.42
C GLY A 287 15.25 -15.04 -7.09
N LEU A 288 14.77 -13.94 -6.52
CA LEU A 288 14.95 -12.63 -7.12
C LEU A 288 16.32 -12.03 -6.84
N ILE A 289 17.00 -12.50 -5.79
CA ILE A 289 18.43 -12.31 -5.60
C ILE A 289 18.98 -13.67 -5.27
N LEU A 290 20.31 -13.82 -5.42
CA LEU A 290 20.91 -15.12 -5.18
C LEU A 290 20.96 -15.42 -3.69
N GLN A 291 21.06 -16.72 -3.37
CA GLN A 291 21.13 -17.13 -1.96
C GLN A 291 22.32 -16.49 -1.25
N VAL A 292 23.42 -16.23 -1.98
CA VAL A 292 24.61 -15.64 -1.37
C VAL A 292 24.60 -14.12 -1.40
N ASP A 293 23.58 -13.49 -2.00
CA ASP A 293 23.54 -12.03 -2.07
C ASP A 293 23.29 -11.39 -0.70
C1 MLI B . -0.65 3.73 3.82
C2 MLI B . -0.49 3.88 2.30
C3 MLI B . -0.39 5.00 4.64
O6 MLI B . -0.96 2.99 1.55
O7 MLI B . 0.11 4.85 1.78
O8 MLI B . -0.79 5.04 5.83
O9 MLI B . 0.22 5.99 4.17
C1 EDO C . 10.41 -13.10 4.11
O1 EDO C . 10.88 -12.68 5.35
C2 EDO C . 10.10 -14.59 4.09
O2 EDO C . 9.27 -14.87 3.00
#